data_5L16
#
_entry.id   5L16
#
_cell.length_a   55.950
_cell.length_b   81.690
_cell.length_c   177.920
_cell.angle_alpha   90.000
_cell.angle_beta   90.000
_cell.angle_gamma   90.000
#
_symmetry.space_group_name_H-M   'I 21 21 21'
#
loop_
_entity.id
_entity.type
_entity.pdbx_description
1 polymer 'Putative selenophosphate synthetase'
2 non-polymer 'SULFATE ION'
3 water water
#
_entity_poly.entity_id   1
_entity_poly.type   'polypeptide(L)'
_entity_poly.pdbx_seq_one_letter_code
;MSHKRPQSSAGESNGAVDLKTPRFDPVSLGLPAEFQLTDYTRLKGCSCKLPQPKLLALLQELSATPGQKDVGMDCSIVPL
HHTNSKGEALFLVSTTDFFFPSVSDPFLQGQIGAANVLSDLYSMGIPDCDTMLMLLAASTEMDEHERLITTREIMKGFAE
RARLATTTVTGGQTVMNPWPLIGGVAMAVVSEAEMVRPTGLLCAGDILVLTKPLGCQVAVNLKQWLLRPSPLYEEAIAGH
ISPEEIEELYNMATDSMRRLNREGARLMRKHGAHGATDVTGFGILGHANNFGAAQAVGDAPRSLCLVLERLPMFKTAVAA
SKQMNDKYRLLEGYSAETSGGLLVAFPSTTAAAAFCAELTAVDGGCPSWIVGHVEDRATNAVDGVYARLKDGYEIVEV
;
_entity_poly.pdbx_strand_id   A
#
# COMPACT_ATOMS: atom_id res chain seq x y z
N ASP A 74 -1.99 9.65 0.87
CA ASP A 74 -1.83 11.08 1.04
C ASP A 74 -1.26 11.71 -0.24
N CYS A 75 -2.07 12.56 -0.87
CA CYS A 75 -1.67 13.26 -2.07
C CYS A 75 -1.77 14.75 -1.87
N SER A 76 -1.37 15.47 -2.91
CA SER A 76 -1.59 16.90 -2.99
C SER A 76 -2.83 17.09 -3.86
N ILE A 77 -3.77 17.92 -3.41
CA ILE A 77 -4.99 18.20 -4.17
C ILE A 77 -5.05 19.71 -4.41
N VAL A 78 -4.89 20.11 -5.66
CA VAL A 78 -4.71 21.53 -5.99
C VAL A 78 -5.82 22.03 -6.93
N PRO A 79 -6.59 23.03 -6.47
CA PRO A 79 -7.60 23.63 -7.34
C PRO A 79 -6.94 24.34 -8.51
N LEU A 80 -7.56 24.23 -9.68
CA LEU A 80 -7.00 24.79 -10.91
C LEU A 80 -7.87 25.96 -11.34
N HIS A 81 -7.31 26.81 -12.20
CA HIS A 81 -8.04 27.95 -12.74
C HIS A 81 -8.65 27.54 -14.07
N HIS A 82 -9.32 26.41 -14.05
CA HIS A 82 -10.04 25.90 -15.19
C HIS A 82 -11.23 25.15 -14.65
N THR A 83 -12.34 25.18 -15.38
CA THR A 83 -13.45 24.30 -15.07
C THR A 83 -13.57 23.27 -16.19
N ASN A 84 -14.42 22.27 -16.01
CA ASN A 84 -14.71 21.33 -17.09
C ASN A 84 -15.77 21.89 -18.05
N SER A 85 -16.24 21.05 -18.96
CA SER A 85 -17.21 21.45 -19.97
C SER A 85 -18.51 21.98 -19.38
N LYS A 86 -18.80 21.60 -18.13
CA LYS A 86 -20.03 22.03 -17.47
C LYS A 86 -19.81 23.13 -16.44
N GLY A 87 -18.60 23.68 -16.38
CA GLY A 87 -18.31 24.75 -15.46
C GLY A 87 -18.06 24.27 -14.03
N GLU A 88 -17.81 22.97 -13.88
CA GLU A 88 -17.47 22.41 -12.57
C GLU A 88 -15.98 22.50 -12.30
N ALA A 89 -15.64 22.73 -11.03
CA ALA A 89 -14.25 22.91 -10.63
C ALA A 89 -13.41 21.69 -10.98
N LEU A 90 -12.18 21.93 -11.42
CA LEU A 90 -11.19 20.88 -11.66
C LEU A 90 -10.03 20.95 -10.68
N PHE A 91 -9.45 19.79 -10.37
CA PHE A 91 -8.37 19.70 -9.39
C PHE A 91 -7.23 18.87 -9.96
N LEU A 92 -6.00 19.26 -9.68
CA LEU A 92 -4.84 18.42 -10.01
C LEU A 92 -4.42 17.65 -8.76
N VAL A 93 -4.51 16.33 -8.82
CA VAL A 93 -4.13 15.45 -7.72
C VAL A 93 -2.82 14.76 -8.10
N SER A 94 -1.78 14.93 -7.29
CA SER A 94 -0.49 14.33 -7.60
CA SER A 94 -0.45 14.38 -7.59
C SER A 94 0.14 13.66 -6.37
N THR A 95 0.95 12.64 -6.62
CA THR A 95 1.56 11.95 -5.51
C THR A 95 2.89 11.37 -5.95
N THR A 96 3.78 11.18 -4.99
CA THR A 96 5.09 10.62 -5.28
C THR A 96 5.43 9.60 -4.19
N ASP A 97 6.24 8.61 -4.54
CA ASP A 97 6.73 7.67 -3.54
C ASP A 97 7.93 6.95 -4.09
N PHE A 98 8.63 6.23 -3.23
CA PHE A 98 9.88 5.59 -3.62
C PHE A 98 10.04 4.32 -2.81
N PHE A 99 10.82 3.37 -3.31
CA PHE A 99 11.25 2.30 -2.42
C PHE A 99 12.65 1.82 -2.73
N PHE A 100 13.28 1.24 -1.71
CA PHE A 100 14.65 0.74 -1.79
C PHE A 100 14.53 -0.74 -2.10
N PRO A 101 14.89 -1.13 -3.31
CA PRO A 101 14.69 -2.52 -3.76
C PRO A 101 15.73 -3.46 -3.18
N SER A 102 15.35 -4.70 -2.95
CA SER A 102 16.31 -5.73 -2.54
C SER A 102 17.10 -6.19 -3.77
N VAL A 103 18.14 -7.01 -3.56
CA VAL A 103 18.79 -7.65 -4.69
C VAL A 103 17.89 -8.79 -5.15
N SER A 104 17.26 -8.61 -6.30
CA SER A 104 16.15 -9.47 -6.69
C SER A 104 15.84 -9.35 -8.17
N ASP A 105 14.76 -9.97 -8.59
CA ASP A 105 14.27 -9.89 -9.96
C ASP A 105 14.01 -8.41 -10.28
N PRO A 106 14.80 -7.84 -11.22
CA PRO A 106 14.69 -6.39 -11.49
C PRO A 106 13.40 -5.98 -12.20
N PHE A 107 12.88 -6.84 -13.08
CA PHE A 107 11.59 -6.55 -13.73
C PHE A 107 10.53 -6.42 -12.65
N LEU A 108 10.53 -7.36 -11.70
CA LEU A 108 9.59 -7.34 -10.58
C LEU A 108 9.78 -6.09 -9.70
N GLN A 109 11.03 -5.67 -9.51
CA GLN A 109 11.32 -4.44 -8.75
C GLN A 109 10.59 -3.28 -9.39
N GLY A 110 10.67 -3.20 -10.71
CA GLY A 110 10.02 -2.14 -11.45
C GLY A 110 8.51 -2.17 -11.29
N GLN A 111 7.92 -3.37 -11.34
CA GLN A 111 6.47 -3.51 -11.21
C GLN A 111 6.02 -3.06 -9.83
N ILE A 112 6.73 -3.50 -8.80
CA ILE A 112 6.39 -3.10 -7.45
C ILE A 112 6.58 -1.61 -7.26
N GLY A 113 7.67 -1.07 -7.82
CA GLY A 113 7.92 0.38 -7.79
C GLY A 113 6.74 1.19 -8.33
N ALA A 114 6.18 0.77 -9.46
CA ALA A 114 5.09 1.50 -10.09
C ALA A 114 3.77 1.35 -9.31
N ALA A 115 3.49 0.13 -8.87
CA ALA A 115 2.27 -0.11 -8.11
C ALA A 115 2.28 0.70 -6.81
N ASN A 116 3.46 0.80 -6.19
CA ASN A 116 3.66 1.63 -5.00
C ASN A 116 3.36 3.11 -5.24
N VAL A 117 3.75 3.63 -6.41
CA VAL A 117 3.50 5.04 -6.72
C VAL A 117 1.99 5.27 -6.94
N LEU A 118 1.38 4.37 -7.70
CA LEU A 118 -0.04 4.49 -8.04
C LEU A 118 -0.94 4.32 -6.82
N SER A 119 -0.47 3.54 -5.84
CA SER A 119 -1.27 3.21 -4.65
C SER A 119 -1.87 4.45 -3.96
N ASP A 120 -1.05 5.48 -3.83
CA ASP A 120 -1.46 6.73 -3.18
C ASP A 120 -2.61 7.42 -3.90
N LEU A 121 -2.56 7.40 -5.22
CA LEU A 121 -3.61 8.01 -6.05
C LEU A 121 -4.90 7.18 -5.89
N TYR A 122 -4.75 5.87 -5.89
CA TYR A 122 -5.89 4.97 -5.73
C TYR A 122 -6.60 5.19 -4.39
N SER A 123 -5.85 5.62 -3.37
CA SER A 123 -6.42 5.85 -2.05
C SER A 123 -7.38 7.04 -2.04
N MET A 124 -7.30 7.87 -3.09
CA MET A 124 -8.21 9.01 -3.27
C MET A 124 -9.46 8.66 -4.07
N GLY A 125 -9.62 7.39 -4.40
CA GLY A 125 -10.81 6.94 -5.13
C GLY A 125 -10.74 7.38 -6.57
N ILE A 126 -9.51 7.49 -7.07
CA ILE A 126 -9.26 7.89 -8.46
C ILE A 126 -8.66 6.71 -9.23
N PRO A 127 -9.48 6.02 -10.05
CA PRO A 127 -8.91 4.82 -10.67
C PRO A 127 -8.18 5.12 -11.96
N ASP A 128 -8.35 6.31 -12.51
CA ASP A 128 -7.70 6.66 -13.76
C ASP A 128 -6.56 7.66 -13.58
N CYS A 129 -5.36 7.21 -13.90
CA CYS A 129 -4.17 8.03 -13.78
C CYS A 129 -3.90 8.64 -15.16
N ASP A 130 -3.71 9.96 -15.24
CA ASP A 130 -3.46 10.58 -16.51
C ASP A 130 -2.04 10.34 -17.04
N THR A 131 -1.06 10.42 -16.16
CA THR A 131 0.31 10.12 -16.55
C THR A 131 1.21 9.82 -15.34
N MET A 132 2.35 9.21 -15.63
CA MET A 132 3.34 8.92 -14.60
C MET A 132 4.69 9.43 -15.05
N LEU A 133 5.51 9.78 -14.06
CA LEU A 133 6.92 10.07 -14.30
C LEU A 133 7.70 9.03 -13.53
N MET A 134 8.79 8.53 -14.11
CA MET A 134 9.58 7.50 -13.44
C MET A 134 10.88 8.12 -12.93
N LEU A 135 11.17 7.90 -11.65
CA LEU A 135 12.38 8.45 -11.05
C LEU A 135 13.20 7.28 -10.54
N LEU A 136 14.40 7.12 -11.08
CA LEU A 136 15.20 5.94 -10.79
C LEU A 136 16.62 6.34 -10.42
N ALA A 137 17.16 5.71 -9.38
CA ALA A 137 18.57 5.91 -9.03
C ALA A 137 19.28 4.61 -9.35
N ALA A 138 20.26 4.69 -10.25
CA ALA A 138 20.96 3.49 -10.71
C ALA A 138 22.26 3.33 -9.92
N SER A 139 22.49 2.12 -9.42
CA SER A 139 23.59 1.90 -8.48
C SER A 139 24.99 1.93 -9.12
N THR A 140 25.90 2.65 -8.50
CA THR A 140 27.29 2.73 -8.96
C THR A 140 28.09 1.49 -8.56
N GLU A 141 27.45 0.59 -7.80
CA GLU A 141 28.12 -0.61 -7.31
C GLU A 141 28.30 -1.66 -8.41
N MET A 142 27.28 -1.82 -9.25
CA MET A 142 27.32 -2.81 -10.32
C MET A 142 28.27 -2.39 -11.43
N ASP A 143 28.81 -3.36 -12.17
CA ASP A 143 29.58 -3.02 -13.36
C ASP A 143 28.61 -2.59 -14.46
N GLU A 144 29.14 -1.99 -15.52
CA GLU A 144 28.32 -1.38 -16.56
C GLU A 144 27.30 -2.36 -17.15
N HIS A 145 27.75 -3.56 -17.48
CA HIS A 145 26.87 -4.60 -18.00
C HIS A 145 25.70 -4.90 -17.08
N GLU A 146 25.99 -5.18 -15.81
CA GLU A 146 24.95 -5.50 -14.84
C GLU A 146 24.00 -4.33 -14.62
N ARG A 147 24.54 -3.13 -14.52
CA ARG A 147 23.72 -1.93 -14.29
C ARG A 147 22.77 -1.67 -15.45
N LEU A 148 23.27 -1.86 -16.67
CA LEU A 148 22.48 -1.60 -17.87
C LEU A 148 21.28 -2.55 -17.98
N ILE A 149 21.50 -3.83 -17.71
CA ILE A 149 20.39 -4.78 -17.83
C ILE A 149 19.40 -4.62 -16.67
N THR A 150 19.90 -4.31 -15.48
CA THR A 150 19.06 -4.07 -14.33
C THR A 150 18.15 -2.87 -14.57
N THR A 151 18.75 -1.77 -15.02
CA THR A 151 17.99 -0.55 -15.32
C THR A 151 16.96 -0.80 -16.41
N ARG A 152 17.34 -1.52 -17.45
CA ARG A 152 16.43 -1.81 -18.55
C ARG A 152 15.21 -2.61 -18.06
N GLU A 153 15.47 -3.61 -17.24
CA GLU A 153 14.42 -4.48 -16.73
C GLU A 153 13.48 -3.77 -15.74
N ILE A 154 14.05 -2.95 -14.85
CA ILE A 154 13.22 -2.11 -13.97
C ILE A 154 12.29 -1.23 -14.79
N MET A 155 12.85 -0.54 -15.76
CA MET A 155 12.04 0.29 -16.69
C MET A 155 10.91 -0.47 -17.36
N LYS A 156 11.20 -1.65 -17.88
CA LYS A 156 10.19 -2.49 -18.51
C LYS A 156 9.07 -2.90 -17.55
N GLY A 157 9.45 -3.25 -16.31
CA GLY A 157 8.47 -3.68 -15.33
C GLY A 157 7.59 -2.53 -14.87
N PHE A 158 8.20 -1.37 -14.69
CA PHE A 158 7.50 -0.13 -14.36
C PHE A 158 6.51 0.19 -15.46
N ALA A 159 6.95 0.11 -16.71
CA ALA A 159 6.09 0.42 -17.85
C ALA A 159 4.96 -0.58 -18.01
N GLU A 160 5.23 -1.86 -17.71
CA GLU A 160 4.20 -2.89 -17.80
C GLU A 160 3.03 -2.59 -16.85
N ARG A 161 3.33 -2.18 -15.62
CA ARG A 161 2.27 -1.80 -14.69
C ARG A 161 1.54 -0.52 -15.13
N ALA A 162 2.27 0.45 -15.69
CA ALA A 162 1.62 1.64 -16.24
C ALA A 162 0.62 1.25 -17.33
N ARG A 163 1.00 0.34 -18.23
CA ARG A 163 0.06 -0.15 -19.24
C ARG A 163 -1.19 -0.79 -18.61
N LEU A 164 -0.99 -1.60 -17.58
CA LEU A 164 -2.10 -2.24 -16.88
C LEU A 164 -3.02 -1.19 -16.23
N ALA A 165 -2.42 -0.07 -15.83
CA ALA A 165 -3.14 1.05 -15.22
C ALA A 165 -3.79 1.97 -16.25
N THR A 166 -3.69 1.59 -17.53
CA THR A 166 -4.17 2.41 -18.65
C THR A 166 -3.56 3.82 -18.64
N THR A 167 -2.27 3.88 -18.34
CA THR A 167 -1.56 5.16 -18.37
C THR A 167 -0.23 4.98 -19.09
N THR A 168 0.56 6.03 -19.16
CA THR A 168 1.85 5.94 -19.83
C THR A 168 2.88 6.66 -18.99
N VAL A 169 4.14 6.24 -19.13
CA VAL A 169 5.24 6.93 -18.51
C VAL A 169 5.76 7.92 -19.54
N THR A 170 5.56 9.20 -19.29
CA THR A 170 5.86 10.23 -20.30
C THR A 170 7.06 11.09 -19.92
N GLY A 171 7.74 10.72 -18.84
CA GLY A 171 8.95 11.45 -18.51
C GLY A 171 9.57 10.93 -17.25
N GLY A 172 10.54 11.69 -16.74
CA GLY A 172 11.23 11.31 -15.53
C GLY A 172 12.72 11.45 -15.70
N GLN A 173 13.47 10.77 -14.84
CA GLN A 173 14.91 10.95 -14.83
C GLN A 173 15.58 9.78 -14.17
N THR A 174 16.78 9.48 -14.62
CA THR A 174 17.59 8.44 -14.02
C THR A 174 18.92 9.07 -13.60
N VAL A 175 19.31 8.83 -12.35
CA VAL A 175 20.58 9.36 -11.86
C VAL A 175 21.46 8.25 -11.31
N MET A 176 22.77 8.44 -11.44
CA MET A 176 23.73 7.54 -10.82
C MET A 176 23.72 7.84 -9.33
N ASN A 177 23.82 6.79 -8.52
CA ASN A 177 23.81 6.97 -7.08
C ASN A 177 24.35 5.71 -6.41
N PRO A 178 25.01 5.86 -5.25
CA PRO A 178 25.53 4.66 -4.60
C PRO A 178 24.45 3.74 -4.05
N TRP A 179 23.26 4.29 -3.79
CA TRP A 179 22.14 3.49 -3.31
C TRP A 179 21.01 3.48 -4.35
N PRO A 180 20.50 2.29 -4.68
CA PRO A 180 19.38 2.23 -5.64
C PRO A 180 18.07 2.74 -5.05
N LEU A 181 17.22 3.28 -5.91
CA LEU A 181 15.91 3.78 -5.51
C LEU A 181 15.00 3.67 -6.72
N ILE A 182 13.75 3.26 -6.49
CA ILE A 182 12.78 3.17 -7.57
C ILE A 182 11.52 3.88 -7.14
N GLY A 183 11.17 4.95 -7.85
CA GLY A 183 9.97 5.70 -7.50
C GLY A 183 9.40 6.47 -8.67
N GLY A 184 8.57 7.46 -8.37
CA GLY A 184 7.98 8.23 -9.45
C GLY A 184 6.86 9.12 -8.96
N VAL A 185 6.07 9.63 -9.91
CA VAL A 185 5.00 10.56 -9.64
C VAL A 185 3.79 10.10 -10.45
N ALA A 186 2.62 10.20 -9.86
CA ALA A 186 1.38 9.87 -10.55
C ALA A 186 0.47 11.09 -10.46
N MET A 187 -0.23 11.39 -11.54
CA MET A 187 -1.08 12.59 -11.58
C MET A 187 -2.41 12.32 -12.24
N ALA A 188 -3.48 12.95 -11.73
CA ALA A 188 -4.80 12.91 -12.34
C ALA A 188 -5.43 14.30 -12.25
N VAL A 189 -6.15 14.69 -13.28
CA VAL A 189 -6.95 15.90 -13.22
C VAL A 189 -8.41 15.45 -13.14
N VAL A 190 -9.08 15.81 -12.05
CA VAL A 190 -10.42 15.30 -11.73
C VAL A 190 -11.36 16.41 -11.26
N SER A 191 -12.67 16.19 -11.37
CA SER A 191 -13.67 17.05 -10.75
C SER A 191 -13.95 16.47 -9.36
N GLU A 192 -14.73 17.18 -8.53
CA GLU A 192 -15.06 16.65 -7.19
C GLU A 192 -15.75 15.30 -7.28
N ALA A 193 -16.59 15.14 -8.30
CA ALA A 193 -17.36 13.91 -8.47
C ALA A 193 -16.49 12.70 -8.83
N GLU A 194 -15.23 12.95 -9.15
CA GLU A 194 -14.35 11.88 -9.62
C GLU A 194 -13.30 11.47 -8.57
N MET A 195 -13.47 11.93 -7.34
CA MET A 195 -12.59 11.50 -6.26
C MET A 195 -13.31 11.36 -4.94
N VAL A 196 -12.63 10.78 -3.97
CA VAL A 196 -13.14 10.66 -2.62
C VAL A 196 -12.11 11.27 -1.69
N ARG A 197 -12.44 12.40 -1.07
CA ARG A 197 -11.46 13.10 -0.25
C ARG A 197 -11.17 12.30 1.02
N PRO A 198 -9.91 12.31 1.47
CA PRO A 198 -9.51 11.51 2.64
C PRO A 198 -9.77 12.19 3.99
N THR A 199 -10.19 13.46 3.97
CA THR A 199 -10.65 14.09 5.20
C THR A 199 -12.05 14.68 5.00
N GLY A 200 -12.79 14.84 6.09
CA GLY A 200 -14.09 15.45 6.02
C GLY A 200 -15.29 14.51 5.91
N LEU A 201 -15.05 13.23 5.61
CA LEU A 201 -16.16 12.27 5.48
C LEU A 201 -16.19 11.23 6.60
N LEU A 202 -15.05 11.01 7.25
CA LEU A 202 -14.93 9.97 8.26
C LEU A 202 -15.76 10.27 9.51
N CYS A 203 -16.55 9.30 9.97
CA CYS A 203 -17.41 9.48 11.15
C CYS A 203 -17.24 8.34 12.14
N ALA A 204 -17.57 8.60 13.41
CA ALA A 204 -17.65 7.54 14.39
C ALA A 204 -18.74 6.55 13.98
N GLY A 205 -18.46 5.26 14.11
CA GLY A 205 -19.37 4.25 13.64
C GLY A 205 -18.99 3.63 12.31
N ASP A 206 -18.18 4.34 11.51
CA ASP A 206 -17.76 3.85 10.20
C ASP A 206 -16.98 2.54 10.32
N ILE A 207 -17.10 1.70 9.28
CA ILE A 207 -16.50 0.37 9.25
C ILE A 207 -15.25 0.39 8.37
N LEU A 208 -14.19 -0.29 8.81
CA LEU A 208 -12.90 -0.24 8.13
C LEU A 208 -12.62 -1.54 7.38
N VAL A 209 -12.13 -1.43 6.14
CA VAL A 209 -11.71 -2.61 5.39
C VAL A 209 -10.31 -2.45 4.82
N LEU A 210 -9.60 -3.57 4.74
CA LEU A 210 -8.22 -3.60 4.25
C LEU A 210 -8.18 -4.52 3.05
N THR A 211 -7.52 -4.09 1.98
CA THR A 211 -7.63 -4.83 0.71
C THR A 211 -6.43 -5.71 0.32
N LYS A 212 -5.38 -5.69 1.12
CA LYS A 212 -4.25 -6.62 0.93
C LYS A 212 -3.75 -7.11 2.28
N PRO A 213 -3.24 -8.35 2.33
CA PRO A 213 -2.74 -8.89 3.60
C PRO A 213 -1.42 -8.25 4.03
N LEU A 214 -1.09 -8.37 5.31
CA LEU A 214 0.11 -7.74 5.87
C LEU A 214 1.21 -8.77 6.01
N GLY A 215 2.46 -8.31 6.09
CA GLY A 215 3.58 -9.18 6.38
C GLY A 215 4.66 -9.23 5.31
N CYS A 216 4.62 -8.29 4.36
CA CYS A 216 5.58 -8.30 3.25
CA CYS A 216 5.59 -8.36 3.26
C CYS A 216 7.04 -8.04 3.68
N GLN A 217 7.22 -7.25 4.74
CA GLN A 217 8.58 -6.96 5.21
C GLN A 217 9.25 -8.23 5.71
N VAL A 218 8.49 -9.05 6.44
CA VAL A 218 8.98 -10.33 6.89
C VAL A 218 9.30 -11.24 5.70
N ALA A 219 8.40 -11.26 4.73
CA ALA A 219 8.57 -12.08 3.54
C ALA A 219 9.85 -11.75 2.78
N VAL A 220 10.08 -10.46 2.56
CA VAL A 220 11.24 -10.01 1.80
C VAL A 220 12.55 -10.32 2.51
N ASN A 221 12.57 -10.17 3.83
CA ASN A 221 13.80 -10.44 4.57
C ASN A 221 14.16 -11.92 4.66
N LEU A 222 13.16 -12.79 4.79
CA LEU A 222 13.42 -14.24 4.80
C LEU A 222 13.97 -14.73 3.47
N LYS A 223 13.40 -14.23 2.38
CA LYS A 223 13.88 -14.58 1.04
C LYS A 223 15.32 -14.12 0.84
N GLN A 224 15.63 -12.93 1.34
CA GLN A 224 16.97 -12.36 1.25
C GLN A 224 17.99 -13.30 1.89
N TRP A 225 17.60 -13.87 3.04
CA TRP A 225 18.51 -14.72 3.81
C TRP A 225 18.87 -16.03 3.11
N LEU A 226 18.16 -16.38 2.05
CA LEU A 226 18.48 -17.59 1.31
C LEU A 226 19.75 -17.40 0.47
N LEU A 227 19.91 -16.20 -0.08
CA LEU A 227 21.05 -15.91 -0.95
C LEU A 227 22.18 -15.23 -0.19
N ARG A 228 21.83 -14.47 0.86
CA ARG A 228 22.80 -13.78 1.69
C ARG A 228 22.38 -13.84 3.15
N PRO A 229 22.72 -14.94 3.83
CA PRO A 229 22.21 -15.30 5.15
C PRO A 229 22.68 -14.39 6.28
N SER A 230 21.86 -14.30 7.31
CA SER A 230 22.23 -13.62 8.55
C SER A 230 22.29 -14.69 9.64
N PRO A 231 22.93 -14.37 10.78
CA PRO A 231 22.99 -15.34 11.86
C PRO A 231 21.59 -15.70 12.41
N LEU A 232 20.65 -14.76 12.30
CA LEU A 232 19.30 -14.99 12.79
C LEU A 232 18.59 -16.07 11.97
N TYR A 233 18.90 -16.12 10.68
CA TYR A 233 18.33 -17.14 9.81
C TYR A 233 18.67 -18.55 10.30
N GLU A 234 19.94 -18.77 10.61
CA GLU A 234 20.38 -20.08 11.07
C GLU A 234 19.93 -20.36 12.50
N GLU A 235 19.89 -19.29 13.32
CA GLU A 235 19.53 -19.41 14.72
C GLU A 235 18.05 -19.75 14.92
N ALA A 236 17.18 -19.09 14.17
CA ALA A 236 15.75 -19.09 14.46
C ALA A 236 14.85 -19.56 13.32
N ILE A 237 15.37 -19.59 12.10
CA ILE A 237 14.53 -19.87 10.93
C ILE A 237 14.81 -21.24 10.28
N ALA A 238 16.06 -21.45 9.88
CA ALA A 238 16.48 -22.70 9.24
C ALA A 238 16.09 -23.91 10.09
N GLY A 239 15.47 -24.90 9.46
CA GLY A 239 15.04 -26.11 10.14
C GLY A 239 13.64 -26.05 10.70
N HIS A 240 13.06 -24.84 10.75
CA HIS A 240 11.71 -24.63 11.24
C HIS A 240 10.78 -24.12 10.13
N ILE A 241 11.33 -23.27 9.27
CA ILE A 241 10.59 -22.77 8.11
C ILE A 241 11.43 -23.06 6.86
N SER A 242 10.94 -23.97 6.02
CA SER A 242 11.73 -24.48 4.90
C SER A 242 11.91 -23.45 3.78
N PRO A 243 12.96 -23.63 2.96
CA PRO A 243 13.16 -22.79 1.79
C PRO A 243 11.92 -22.75 0.89
N GLU A 244 11.20 -23.86 0.78
CA GLU A 244 9.95 -23.90 0.02
C GLU A 244 8.84 -23.05 0.65
N GLU A 245 8.67 -23.15 1.97
CA GLU A 245 7.70 -22.29 2.65
C GLU A 245 8.07 -20.80 2.54
N ILE A 246 9.38 -20.53 2.56
CA ILE A 246 9.87 -19.17 2.41
C ILE A 246 9.66 -18.68 0.98
N GLU A 247 9.90 -19.57 0.01
CA GLU A 247 9.66 -19.26 -1.39
CA GLU A 247 9.66 -19.25 -1.39
C GLU A 247 8.19 -18.92 -1.59
N GLU A 248 7.30 -19.74 -1.01
CA GLU A 248 5.86 -19.51 -1.13
C GLU A 248 5.43 -18.21 -0.46
N LEU A 249 5.93 -17.93 0.74
CA LEU A 249 5.62 -16.66 1.41
C LEU A 249 6.07 -15.48 0.56
N TYR A 250 7.32 -15.52 0.10
CA TYR A 250 7.85 -14.48 -0.75
C TYR A 250 7.06 -14.31 -2.06
N ASN A 251 6.64 -15.41 -2.68
CA ASN A 251 5.86 -15.30 -3.91
C ASN A 251 4.49 -14.70 -3.67
N MET A 252 3.85 -15.07 -2.56
CA MET A 252 2.57 -14.51 -2.18
CA MET A 252 2.56 -14.50 -2.25
C MET A 252 2.71 -13.01 -1.92
N ALA A 253 3.79 -12.65 -1.23
CA ALA A 253 4.01 -11.25 -0.87
C ALA A 253 4.31 -10.39 -2.09
N THR A 254 5.22 -10.84 -2.96
CA THR A 254 5.52 -10.06 -4.15
C THR A 254 4.34 -10.02 -5.13
N ASP A 255 3.60 -11.12 -5.24
CA ASP A 255 2.38 -11.11 -6.06
C ASP A 255 1.43 -10.03 -5.56
N SER A 256 1.28 -9.95 -4.24
CA SER A 256 0.39 -8.96 -3.64
C SER A 256 0.92 -7.53 -3.85
N MET A 257 2.23 -7.34 -3.68
CA MET A 257 2.82 -6.01 -3.80
CA MET A 257 2.83 -6.01 -3.81
C MET A 257 2.70 -5.41 -5.21
N ARG A 258 2.86 -6.23 -6.24
CA ARG A 258 2.75 -5.70 -7.61
C ARG A 258 1.31 -5.46 -8.07
N ARG A 259 0.34 -6.01 -7.34
CA ARG A 259 -1.07 -5.80 -7.69
C ARG A 259 -1.45 -4.34 -7.49
N LEU A 260 -2.25 -3.81 -8.42
CA LEU A 260 -2.70 -2.44 -8.33
C LEU A 260 -3.91 -2.36 -7.40
N ASN A 261 -4.04 -1.25 -6.70
CA ASN A 261 -5.24 -0.97 -5.90
C ASN A 261 -6.31 -0.30 -6.78
N ARG A 262 -6.16 -0.45 -8.09
CA ARG A 262 -7.05 0.25 -9.04
C ARG A 262 -8.54 -0.12 -8.93
N GLU A 263 -8.84 -1.41 -8.83
CA GLU A 263 -10.23 -1.84 -8.75
C GLU A 263 -10.86 -1.33 -7.46
N GLY A 264 -10.09 -1.36 -6.37
CA GLY A 264 -10.52 -0.80 -5.11
C GLY A 264 -10.89 0.66 -5.26
N ALA A 265 -10.01 1.44 -5.89
CA ALA A 265 -10.30 2.85 -6.17
C ALA A 265 -11.59 3.04 -6.96
N ARG A 266 -11.79 2.17 -7.95
CA ARG A 266 -12.95 2.29 -8.84
CA ARG A 266 -12.94 2.21 -8.86
C ARG A 266 -14.27 2.05 -8.12
N LEU A 267 -14.24 1.27 -7.05
CA LEU A 267 -15.46 0.87 -6.35
C LEU A 267 -15.77 1.69 -5.11
N MET A 268 -14.83 2.55 -4.69
CA MET A 268 -15.04 3.32 -3.45
C MET A 268 -16.31 4.18 -3.49
N ARG A 269 -16.43 5.04 -4.50
CA ARG A 269 -17.58 5.95 -4.59
C ARG A 269 -18.89 5.19 -4.69
N LYS A 270 -18.86 4.11 -5.47
CA LYS A 270 -20.05 3.32 -5.78
C LYS A 270 -20.74 2.84 -4.52
N HIS A 271 -19.94 2.57 -3.49
CA HIS A 271 -20.47 2.04 -2.23
C HIS A 271 -20.49 3.05 -1.08
N GLY A 272 -20.29 4.32 -1.41
CA GLY A 272 -20.38 5.41 -0.45
C GLY A 272 -19.23 5.48 0.56
N ALA A 273 -18.01 5.18 0.10
CA ALA A 273 -16.83 5.22 0.95
C ALA A 273 -16.62 6.59 1.61
N HIS A 274 -16.11 6.59 2.83
CA HIS A 274 -15.80 7.82 3.55
C HIS A 274 -14.29 8.13 3.57
N GLY A 275 -13.58 7.71 2.53
CA GLY A 275 -12.18 8.04 2.39
C GLY A 275 -11.30 6.82 2.64
N ALA A 276 -10.02 6.93 2.31
CA ALA A 276 -9.09 5.82 2.53
C ALA A 276 -7.66 6.33 2.68
N THR A 277 -6.80 5.48 3.21
CA THR A 277 -5.37 5.73 3.15
C THR A 277 -4.74 4.47 2.57
N ASP A 278 -3.57 4.58 1.97
CA ASP A 278 -2.92 3.34 1.62
C ASP A 278 -1.98 2.95 2.76
N VAL A 279 -1.58 1.68 2.78
CA VAL A 279 -0.71 1.18 3.83
C VAL A 279 0.69 0.97 3.26
N THR A 280 1.66 1.70 3.78
CA THR A 280 3.03 1.60 3.29
C THR A 280 4.02 1.47 4.46
N GLY A 281 5.03 2.34 4.51
CA GLY A 281 6.18 2.13 5.39
C GLY A 281 5.96 2.25 6.89
N PHE A 282 4.84 2.84 7.30
CA PHE A 282 4.57 3.01 8.72
C PHE A 282 3.78 1.83 9.32
N GLY A 283 3.42 0.86 8.49
CA GLY A 283 2.68 -0.30 8.95
C GLY A 283 1.20 -0.01 9.10
N ILE A 284 0.40 -1.04 9.35
CA ILE A 284 -1.06 -0.86 9.43
C ILE A 284 -1.44 0.15 10.50
N LEU A 285 -0.80 0.08 11.66
CA LEU A 285 -1.20 0.93 12.78
C LEU A 285 -0.73 2.37 12.58
N GLY A 286 0.48 2.53 12.05
CA GLY A 286 0.99 3.85 11.71
C GLY A 286 0.11 4.58 10.72
N HIS A 287 -0.26 3.91 9.63
CA HIS A 287 -1.11 4.55 8.62
C HIS A 287 -2.54 4.77 9.11
N ALA A 288 -3.08 3.82 9.88
CA ALA A 288 -4.37 4.04 10.56
C ALA A 288 -4.32 5.29 11.44
N ASN A 289 -3.22 5.46 12.15
CA ASN A 289 -3.05 6.61 13.04
C ASN A 289 -3.02 7.91 12.25
N ASN A 290 -2.28 7.95 11.15
CA ASN A 290 -2.23 9.14 10.31
C ASN A 290 -3.59 9.47 9.71
N PHE A 291 -4.35 8.44 9.36
CA PHE A 291 -5.68 8.61 8.76
C PHE A 291 -6.60 9.27 9.78
N GLY A 292 -6.54 8.78 11.02
CA GLY A 292 -7.31 9.37 12.11
C GLY A 292 -6.88 10.79 12.45
N ALA A 293 -5.58 10.99 12.60
CA ALA A 293 -5.02 12.31 12.94
C ALA A 293 -5.35 13.38 11.89
N ALA A 294 -5.35 12.97 10.62
CA ALA A 294 -5.69 13.88 9.51
C ALA A 294 -7.08 14.50 9.68
N GLN A 295 -8.00 13.78 10.32
CA GLN A 295 -9.35 14.32 10.52
C GLN A 295 -9.38 15.47 11.54
N ALA A 296 -8.31 15.61 12.32
CA ALA A 296 -8.23 16.65 13.36
C ALA A 296 -7.66 17.97 12.86
N VAL A 297 -7.28 18.03 11.58
CA VAL A 297 -6.96 19.31 10.94
C VAL A 297 -8.02 19.58 9.85
N GLY A 298 -8.39 20.83 9.61
CA GLY A 298 -7.96 21.99 10.39
C GLY A 298 -9.17 22.84 10.77
N ASP A 299 -9.91 23.35 9.77
CA ASP A 299 -11.03 24.27 10.02
C ASP A 299 -12.30 23.60 10.57
N ALA A 300 -12.53 22.36 10.17
CA ALA A 300 -13.69 21.62 10.65
C ALA A 300 -13.26 20.26 11.20
N PRO A 301 -12.51 20.25 12.31
CA PRO A 301 -11.89 19.02 12.78
C PRO A 301 -12.90 18.04 13.36
N ARG A 302 -12.57 16.76 13.28
CA ARG A 302 -13.23 15.72 14.05
C ARG A 302 -12.22 15.02 14.95
N SER A 303 -12.69 14.52 16.08
CA SER A 303 -11.86 13.76 17.01
C SER A 303 -12.27 12.30 16.97
N LEU A 304 -11.46 11.47 16.30
CA LEU A 304 -11.83 10.09 16.00
C LEU A 304 -10.69 9.11 16.31
N CYS A 305 -11.03 7.84 16.52
CA CYS A 305 -10.03 6.81 16.79
C CYS A 305 -10.34 5.55 15.97
N LEU A 306 -9.38 5.13 15.15
CA LEU A 306 -9.57 3.93 14.35
C LEU A 306 -9.24 2.71 15.19
N VAL A 307 -10.20 1.81 15.32
CA VAL A 307 -10.02 0.61 16.14
C VAL A 307 -9.81 -0.60 15.24
N LEU A 308 -8.63 -1.20 15.33
CA LEU A 308 -8.34 -2.41 14.55
C LEU A 308 -8.66 -3.65 15.37
N GLU A 309 -9.66 -4.42 14.95
CA GLU A 309 -10.12 -5.58 15.73
C GLU A 309 -9.64 -6.93 15.19
N ARG A 310 -9.35 -6.99 13.89
CA ARG A 310 -8.84 -8.21 13.28
C ARG A 310 -8.00 -7.84 12.07
N LEU A 311 -6.94 -8.60 11.81
CA LEU A 311 -6.01 -8.26 10.75
C LEU A 311 -5.56 -9.47 9.93
N PRO A 312 -5.59 -9.33 8.59
CA PRO A 312 -5.12 -10.39 7.69
C PRO A 312 -3.61 -10.34 7.60
N MET A 313 -2.96 -11.49 7.87
CA MET A 313 -1.50 -11.58 7.86
C MET A 313 -1.11 -12.89 7.20
N PHE A 314 -0.04 -12.87 6.39
CA PHE A 314 0.49 -14.12 5.86
C PHE A 314 0.86 -15.06 7.00
N LYS A 315 0.34 -16.28 6.94
CA LYS A 315 0.55 -17.25 8.01
C LYS A 315 2.02 -17.48 8.33
N THR A 316 2.84 -17.59 7.30
CA THR A 316 4.26 -17.91 7.51
C THR A 316 5.00 -16.69 8.09
N ALA A 317 4.56 -15.51 7.71
CA ALA A 317 5.13 -14.27 8.26
C ALA A 317 4.84 -14.18 9.76
N VAL A 318 3.66 -14.61 10.17
CA VAL A 318 3.31 -14.64 11.59
C VAL A 318 4.17 -15.65 12.32
N ALA A 319 4.31 -16.86 11.75
CA ALA A 319 5.15 -17.89 12.35
C ALA A 319 6.59 -17.41 12.53
N ALA A 320 7.15 -16.82 11.47
CA ALA A 320 8.51 -16.30 11.51
C ALA A 320 8.66 -15.21 12.56
N SER A 321 7.67 -14.32 12.64
CA SER A 321 7.68 -13.25 13.63
C SER A 321 7.80 -13.81 15.04
N LYS A 322 7.04 -14.85 15.34
CA LYS A 322 7.07 -15.44 16.68
C LYS A 322 8.39 -16.12 17.02
N GLN A 323 9.15 -16.50 15.99
CA GLN A 323 10.47 -17.13 16.21
C GLN A 323 11.55 -16.08 16.45
N MET A 324 11.27 -14.83 16.09
CA MET A 324 12.25 -13.76 16.19
C MET A 324 11.79 -12.64 17.13
N ASN A 325 10.96 -12.98 18.11
CA ASN A 325 10.47 -12.00 19.09
CA ASN A 325 10.48 -12.01 19.09
C ASN A 325 9.88 -10.77 18.43
N ASP A 326 9.12 -10.99 17.37
CA ASP A 326 8.47 -9.93 16.60
C ASP A 326 9.45 -8.84 16.14
N LYS A 327 10.59 -9.27 15.61
CA LYS A 327 11.67 -8.37 15.19
C LYS A 327 11.20 -7.23 14.29
N TYR A 328 10.36 -7.53 13.33
CA TYR A 328 9.93 -6.52 12.36
C TYR A 328 8.64 -5.82 12.78
N ARG A 329 8.18 -6.10 14.00
CA ARG A 329 7.03 -5.44 14.59
C ARG A 329 5.71 -5.67 13.84
N LEU A 330 5.63 -6.79 13.14
CA LEU A 330 4.39 -7.18 12.46
C LEU A 330 3.23 -7.26 13.43
N LEU A 331 3.44 -7.94 14.56
CA LEU A 331 2.35 -8.17 15.50
C LEU A 331 2.01 -6.92 16.29
N GLU A 332 2.94 -5.97 16.28
CA GLU A 332 2.75 -4.71 17.00
C GLU A 332 2.00 -3.71 16.11
N GLY A 333 2.03 -3.96 14.80
CA GLY A 333 1.29 -3.14 13.85
C GLY A 333 2.15 -2.14 13.11
N TYR A 334 3.47 -2.23 13.26
CA TYR A 334 4.37 -1.24 12.69
C TYR A 334 5.33 -1.78 11.64
N SER A 335 5.07 -2.98 11.14
CA SER A 335 5.96 -3.55 10.14
C SER A 335 5.74 -2.84 8.82
N ALA A 336 6.83 -2.48 8.15
CA ALA A 336 6.74 -1.73 6.90
C ALA A 336 6.17 -2.57 5.76
N GLU A 337 5.17 -2.04 5.08
CA GLU A 337 4.70 -2.65 3.86
C GLU A 337 5.23 -1.76 2.72
N THR A 338 5.44 -2.34 1.56
CA THR A 338 5.67 -1.57 0.34
C THR A 338 4.52 -1.93 -0.55
N SER A 339 3.85 -0.92 -1.14
CA SER A 339 2.71 -1.16 -2.01
C SER A 339 1.67 -2.04 -1.32
N GLY A 340 1.31 -1.64 -0.12
CA GLY A 340 0.27 -2.33 0.64
C GLY A 340 -1.11 -1.99 0.11
N GLY A 341 -2.14 -2.44 0.82
CA GLY A 341 -3.50 -2.28 0.35
C GLY A 341 -4.09 -0.95 0.75
N LEU A 342 -5.37 -0.74 0.43
CA LEU A 342 -6.08 0.43 0.89
C LEU A 342 -6.77 0.11 2.20
N LEU A 343 -6.73 1.06 3.13
CA LEU A 343 -7.54 0.96 4.33
C LEU A 343 -8.69 1.94 4.10
N VAL A 344 -9.90 1.40 3.85
CA VAL A 344 -11.06 2.20 3.40
C VAL A 344 -12.17 2.20 4.45
N ALA A 345 -12.83 3.35 4.60
CA ALA A 345 -13.95 3.47 5.54
C ALA A 345 -15.28 3.54 4.80
N PHE A 346 -16.29 2.92 5.39
CA PHE A 346 -17.65 2.90 4.85
C PHE A 346 -18.66 3.24 5.95
N PRO A 347 -19.84 3.75 5.58
CA PRO A 347 -20.84 4.16 6.59
C PRO A 347 -21.53 3.03 7.34
N SER A 348 -21.40 1.79 6.88
CA SER A 348 -22.06 0.66 7.53
C SER A 348 -21.40 -0.65 7.15
N THR A 349 -21.72 -1.70 7.87
CA THR A 349 -21.25 -3.04 7.56
C THR A 349 -21.86 -3.52 6.24
N THR A 350 -23.12 -3.15 6.00
CA THR A 350 -23.76 -3.50 4.73
C THR A 350 -22.99 -2.91 3.55
N ALA A 351 -22.63 -1.62 3.64
CA ALA A 351 -21.86 -0.98 2.59
C ALA A 351 -20.47 -1.61 2.43
N ALA A 352 -19.79 -1.84 3.54
CA ALA A 352 -18.47 -2.46 3.53
C ALA A 352 -18.50 -3.86 2.89
N ALA A 353 -19.44 -4.69 3.32
CA ALA A 353 -19.57 -6.05 2.79
C ALA A 353 -19.87 -6.09 1.28
N ALA A 354 -20.73 -5.18 0.82
CA ALA A 354 -21.01 -5.05 -0.62
C ALA A 354 -19.79 -4.64 -1.43
N PHE A 355 -18.99 -3.73 -0.89
CA PHE A 355 -17.74 -3.32 -1.54
C PHE A 355 -16.80 -4.52 -1.63
N CYS A 356 -16.61 -5.21 -0.51
CA CYS A 356 -15.72 -6.38 -0.49
C CYS A 356 -16.19 -7.42 -1.50
N ALA A 357 -17.49 -7.66 -1.54
CA ALA A 357 -18.04 -8.68 -2.45
C ALA A 357 -17.82 -8.33 -3.93
N GLU A 358 -18.04 -7.08 -4.29
CA GLU A 358 -17.83 -6.68 -5.68
C GLU A 358 -16.34 -6.60 -6.02
N LEU A 359 -15.52 -6.27 -5.04
CA LEU A 359 -14.08 -6.13 -5.28
C LEU A 359 -13.43 -7.48 -5.59
N THR A 360 -13.79 -8.51 -4.83
CA THR A 360 -13.23 -9.83 -5.07
CA THR A 360 -13.24 -9.84 -5.06
C THR A 360 -13.73 -10.41 -6.39
N ALA A 361 -14.95 -10.06 -6.78
CA ALA A 361 -15.54 -10.56 -8.01
C ALA A 361 -14.91 -9.98 -9.29
N VAL A 362 -14.40 -8.75 -9.22
CA VAL A 362 -13.85 -8.10 -10.41
C VAL A 362 -12.32 -8.09 -10.43
N ASP A 363 -11.70 -8.28 -9.27
CA ASP A 363 -10.25 -8.13 -9.15
C ASP A 363 -9.56 -9.48 -8.98
N GLY A 364 -9.97 -10.44 -9.80
CA GLY A 364 -9.31 -11.73 -9.86
C GLY A 364 -9.52 -12.66 -8.68
N GLY A 365 -10.49 -12.36 -7.83
CA GLY A 365 -10.80 -13.22 -6.70
C GLY A 365 -9.92 -12.96 -5.50
N CYS A 366 -9.33 -11.76 -5.46
CA CYS A 366 -8.50 -11.35 -4.33
C CYS A 366 -9.36 -10.90 -3.17
N PRO A 367 -9.23 -11.58 -2.02
CA PRO A 367 -10.08 -11.26 -0.87
C PRO A 367 -9.78 -9.88 -0.28
N SER A 368 -10.78 -9.30 0.37
CA SER A 368 -10.56 -8.12 1.21
C SER A 368 -11.22 -8.42 2.56
N TRP A 369 -10.88 -7.65 3.58
CA TRP A 369 -11.29 -8.00 4.93
C TRP A 369 -11.82 -6.79 5.67
N ILE A 370 -12.91 -6.99 6.42
CA ILE A 370 -13.37 -5.98 7.35
C ILE A 370 -12.48 -6.10 8.60
N VAL A 371 -11.84 -5.01 9.01
CA VAL A 371 -10.82 -5.10 10.07
C VAL A 371 -11.13 -4.34 11.34
N GLY A 372 -12.20 -3.55 11.36
CA GLY A 372 -12.54 -2.82 12.55
C GLY A 372 -13.51 -1.68 12.31
N HIS A 373 -13.45 -0.65 13.13
CA HIS A 373 -14.39 0.46 13.04
C HIS A 373 -13.78 1.72 13.64
N VAL A 374 -14.46 2.84 13.40
CA VAL A 374 -14.07 4.13 13.96
C VAL A 374 -14.93 4.46 15.18
N GLU A 375 -14.30 4.94 16.24
CA GLU A 375 -15.03 5.36 17.43
C GLU A 375 -14.72 6.81 17.79
N ASP A 376 -15.55 7.40 18.64
CA ASP A 376 -15.24 8.71 19.21
C ASP A 376 -13.92 8.65 19.97
N ARG A 377 -13.09 9.67 19.80
CA ARG A 377 -11.82 9.71 20.49
C ARG A 377 -12.03 10.26 21.89
N ALA A 378 -11.43 9.61 22.89
CA ALA A 378 -11.51 10.06 24.26
C ALA A 378 -10.92 11.47 24.42
N ALA A 381 -7.95 11.72 25.30
CA ALA A 381 -6.99 10.66 24.97
C ALA A 381 -5.57 11.22 24.86
N VAL A 382 -4.60 10.32 24.75
CA VAL A 382 -3.19 10.67 24.62
C VAL A 382 -2.92 11.47 23.34
N ASP A 383 -2.15 12.55 23.47
CA ASP A 383 -1.80 13.40 22.32
C ASP A 383 -1.16 12.61 21.18
N GLY A 384 -1.65 12.81 19.97
CA GLY A 384 -1.09 12.16 18.80
C GLY A 384 -1.64 10.78 18.52
N VAL A 385 -2.46 10.23 19.43
CA VAL A 385 -2.99 8.87 19.26
C VAL A 385 -4.42 8.87 18.73
N TYR A 386 -4.58 8.32 17.53
CA TYR A 386 -5.84 8.34 16.81
C TYR A 386 -6.13 6.97 16.20
N ALA A 387 -5.40 5.96 16.63
CA ALA A 387 -5.69 4.58 16.23
C ALA A 387 -5.20 3.64 17.33
N ARG A 388 -5.83 2.48 17.43
CA ARG A 388 -5.37 1.47 18.39
C ARG A 388 -5.64 0.05 17.91
N LEU A 389 -4.74 -0.86 18.29
CA LEU A 389 -4.96 -2.29 18.10
C LEU A 389 -5.69 -2.82 19.33
N LYS A 390 -6.79 -3.50 19.11
CA LYS A 390 -7.54 -4.07 20.24
C LYS A 390 -6.71 -5.15 20.91
N ASP A 391 -6.72 -5.18 22.24
CA ASP A 391 -6.02 -6.23 22.97
C ASP A 391 -6.63 -7.59 22.62
N GLY A 392 -5.79 -8.52 22.18
CA GLY A 392 -6.25 -9.83 21.77
C GLY A 392 -6.98 -9.81 20.43
N TYR A 393 -6.59 -8.89 19.55
CA TYR A 393 -7.19 -8.80 18.22
C TYR A 393 -7.01 -10.10 17.47
N GLU A 394 -7.94 -10.41 16.58
CA GLU A 394 -7.89 -11.66 15.81
C GLU A 394 -6.88 -11.56 14.69
N ILE A 395 -6.03 -12.58 14.58
CA ILE A 395 -5.15 -12.70 13.41
C ILE A 395 -5.82 -13.62 12.40
N VAL A 396 -6.04 -13.10 11.20
CA VAL A 396 -6.63 -13.87 10.13
C VAL A 396 -5.51 -14.37 9.24
N GLU A 397 -5.17 -15.64 9.39
CA GLU A 397 -4.02 -16.19 8.69
C GLU A 397 -4.29 -16.41 7.21
N VAL A 398 -3.39 -15.88 6.39
CA VAL A 398 -3.48 -15.95 4.95
C VAL A 398 -2.18 -16.57 4.41
#